data_3AQT
#
_entry.id   3AQT
#
_cell.length_a   167.120
_cell.length_b   167.120
_cell.length_c   167.120
_cell.angle_alpha   90.00
_cell.angle_beta   90.00
_cell.angle_gamma   90.00
#
_symmetry.space_group_name_H-M   'I 2 3'
#
loop_
_entity.id
_entity.type
_entity.pdbx_description
1 polymer 'Bacterial regulatory proteins, tetR family'
2 non-polymer RESORCINOL
3 water water
#
_entity_poly.entity_id   1
_entity_poly.type   'polypeptide(L)'
_entity_poly.pdbx_seq_one_letter_code
;HHHHHHSSGLVPRGSH(MSE)PTPSQHKDASTAQTDNQVPTGRRAQKREQTRARLITSARTL(MSE)AERGVDNVGIAEI
TEGANIGTGTFYNYFPDREQLLQAVAEDAFESVGIALDQVLTKLDDPAEVFAGSLRHLVRHSLEDRIWGGFFIQ(MSE)G
AAHPVL(MSE)RILGPRARRDLLHGLETGRFTIEDLDLATTCTFGSLIAAIQ(MSE)ALSADQDSNDDKDQIFAAA
(MSE)LR(MSE)VGVQAAEAREIASRPLPEISPVKPQ
;
_entity_poly.pdbx_strand_id   A,B
#
loop_
_chem_comp.id
_chem_comp.type
_chem_comp.name
_chem_comp.formula
RCO non-polymer RESORCINOL 'C6 H6 O2'
#
# COMPACT_ATOMS: atom_id res chain seq x y z
N ARG A 40 32.24 25.43 9.78
CA ARG A 40 31.11 25.85 8.90
C ARG A 40 29.88 24.99 9.21
N ALA A 41 28.98 24.90 8.23
CA ALA A 41 27.76 24.11 8.35
C ALA A 41 28.11 22.64 8.27
N GLN A 42 29.40 22.36 8.30
CA GLN A 42 29.89 20.99 8.24
C GLN A 42 29.44 20.31 9.53
N LYS A 43 29.35 21.10 10.59
CA LYS A 43 28.92 20.59 11.89
C LYS A 43 27.44 20.28 11.82
N ARG A 44 26.73 21.01 10.98
CA ARG A 44 25.30 20.78 10.80
C ARG A 44 25.10 19.39 10.22
N GLU A 45 25.97 19.01 9.28
CA GLU A 45 25.89 17.70 8.65
C GLU A 45 26.27 16.59 9.61
N GLN A 46 27.25 16.87 10.46
CA GLN A 46 27.73 15.89 11.43
C GLN A 46 26.62 15.63 12.46
N THR A 47 25.94 16.69 12.88
CA THR A 47 24.86 16.58 13.85
C THR A 47 23.71 15.76 13.31
N ARG A 48 23.36 16.01 12.05
CA ARG A 48 22.29 15.28 11.40
C ARG A 48 22.60 13.78 11.46
N ALA A 49 23.83 13.44 11.11
CA ALA A 49 24.28 12.06 11.13
C ALA A 49 24.21 11.48 12.54
N ARG A 50 24.60 12.28 13.53
CA ARG A 50 24.56 11.80 14.92
C ARG A 50 23.14 11.60 15.36
N LEU A 51 22.23 12.45 14.88
CA LEU A 51 20.82 12.33 15.24
C LEU A 51 20.25 11.05 14.65
N ILE A 52 20.62 10.74 13.42
CA ILE A 52 20.16 9.53 12.76
C ILE A 52 20.64 8.32 13.57
N THR A 53 21.92 8.32 13.92
CA THR A 53 22.52 7.23 14.70
C THR A 53 21.80 7.07 16.04
N SER A 54 21.51 8.20 16.67
CA SER A 54 20.83 8.20 17.95
C SER A 54 19.44 7.58 17.85
N ALA A 55 18.64 8.07 16.90
CA ALA A 55 17.29 7.57 16.71
C ALA A 55 17.27 6.07 16.46
N ARG A 56 18.15 5.58 15.59
CA ARG A 56 18.20 4.16 15.30
C ARG A 56 18.55 3.30 16.53
N THR A 57 19.59 3.70 17.25
CA THR A 57 19.98 2.93 18.41
C THR A 57 18.85 2.87 19.42
N LEU A 58 18.27 4.03 19.72
CA LEU A 58 17.17 4.09 20.68
C LEU A 58 15.92 3.36 20.20
N MSE A 59 15.53 3.56 18.93
CA MSE A 59 14.34 2.89 18.42
C MSE A 59 14.46 1.39 18.27
O MSE A 59 13.46 0.68 18.33
CB MSE A 59 13.93 3.51 17.08
CG MSE A 59 13.40 4.90 17.22
SE MSE A 59 13.13 5.75 15.53
CE MSE A 59 12.38 7.43 16.17
N ALA A 60 15.68 0.89 18.10
CA ALA A 60 15.89 -0.53 17.95
C ALA A 60 15.66 -1.23 19.28
N GLU A 61 15.91 -0.53 20.37
CA GLU A 61 15.71 -1.11 21.68
C GLU A 61 14.33 -0.84 22.27
N ARG A 62 13.76 0.33 22.00
CA ARG A 62 12.45 0.67 22.58
C ARG A 62 11.28 0.69 21.62
N GLY A 63 11.52 0.67 20.32
CA GLY A 63 10.40 0.72 19.38
C GLY A 63 10.23 2.13 18.85
N VAL A 64 9.94 2.25 17.55
CA VAL A 64 9.79 3.54 16.90
C VAL A 64 8.85 4.54 17.58
N ASP A 65 7.73 4.04 18.11
CA ASP A 65 6.74 4.91 18.74
C ASP A 65 7.03 5.35 20.19
N ASN A 66 8.07 4.81 20.80
CA ASN A 66 8.37 5.17 22.18
C ASN A 66 9.62 6.03 22.33
N VAL A 67 10.03 6.68 21.25
CA VAL A 67 11.23 7.50 21.30
C VAL A 67 10.96 8.88 20.75
N GLY A 68 11.18 9.89 21.59
CA GLY A 68 10.92 11.25 21.17
C GLY A 68 12.17 12.09 20.91
N ILE A 69 11.94 13.32 20.48
CA ILE A 69 13.01 14.27 20.17
C ILE A 69 13.94 14.42 21.39
N ALA A 70 13.36 14.43 22.58
CA ALA A 70 14.13 14.57 23.80
C ALA A 70 15.23 13.51 23.91
N GLU A 71 14.84 12.25 23.85
CA GLU A 71 15.79 11.15 23.96
C GLU A 71 16.78 11.14 22.78
N ILE A 72 16.28 11.41 21.59
CA ILE A 72 17.15 11.41 20.42
C ILE A 72 18.24 12.46 20.51
N THR A 73 17.84 13.71 20.76
CA THR A 73 18.82 14.79 20.88
C THR A 73 19.82 14.50 21.98
N GLU A 74 19.37 13.86 23.05
CA GLU A 74 20.26 13.57 24.15
C GLU A 74 21.34 12.59 23.69
N GLY A 75 20.94 11.57 22.94
CA GLY A 75 21.91 10.60 22.45
C GLY A 75 22.93 11.28 21.55
N ALA A 76 22.51 12.33 20.84
CA ALA A 76 23.41 13.03 19.93
C ALA A 76 24.12 14.17 20.65
N ASN A 77 23.82 14.32 21.93
CA ASN A 77 24.45 15.35 22.75
C ASN A 77 24.16 16.80 22.38
N ILE A 78 22.89 17.12 22.11
CA ILE A 78 22.49 18.49 21.78
C ILE A 78 21.18 18.76 22.52
N GLY A 79 20.84 20.03 22.69
CA GLY A 79 19.61 20.40 23.39
C GLY A 79 18.35 20.00 22.64
N THR A 80 17.32 19.62 23.39
CA THR A 80 16.05 19.21 22.81
C THR A 80 15.56 20.18 21.74
N GLY A 81 15.52 21.46 22.09
CA GLY A 81 15.03 22.46 21.16
C GLY A 81 15.82 22.65 19.88
N THR A 82 17.13 22.40 19.91
CA THR A 82 17.94 22.59 18.71
C THR A 82 17.66 21.53 17.66
N PHE A 83 16.82 20.55 18.00
CA PHE A 83 16.48 19.50 17.05
C PHE A 83 16.01 20.07 15.72
N TYR A 84 15.10 21.03 15.80
CA TYR A 84 14.55 21.65 14.60
C TYR A 84 15.50 22.49 13.75
N ASN A 85 16.78 22.53 14.13
CA ASN A 85 17.76 23.26 13.33
C ASN A 85 18.39 22.24 12.39
N TYR A 86 18.03 20.97 12.54
CA TYR A 86 18.59 19.92 11.70
C TYR A 86 17.55 19.11 10.92
N PHE A 87 16.31 19.12 11.39
CA PHE A 87 15.20 18.42 10.75
C PHE A 87 13.96 19.26 11.00
N PRO A 88 13.12 19.44 9.97
CA PRO A 88 11.91 20.24 10.17
C PRO A 88 10.87 19.54 11.03
N ASP A 89 10.92 18.22 11.05
CA ASP A 89 9.94 17.44 11.80
C ASP A 89 10.52 16.07 12.13
N ARG A 90 9.93 15.43 13.12
CA ARG A 90 10.37 14.10 13.54
C ARG A 90 10.21 13.11 12.40
N GLU A 91 9.24 13.38 11.53
CA GLU A 91 8.95 12.51 10.40
C GLU A 91 10.13 12.37 9.42
N GLN A 92 10.83 13.47 9.13
CA GLN A 92 11.96 13.37 8.21
C GLN A 92 13.08 12.51 8.78
N LEU A 93 13.27 12.58 10.10
CA LEU A 93 14.31 11.79 10.75
C LEU A 93 13.91 10.31 10.69
N LEU A 94 12.63 10.05 10.91
CA LEU A 94 12.12 8.69 10.88
C LEU A 94 12.39 8.09 9.51
N GLN A 95 12.16 8.89 8.48
CA GLN A 95 12.39 8.44 7.12
C GLN A 95 13.85 8.11 6.88
N ALA A 96 14.75 8.94 7.41
CA ALA A 96 16.19 8.69 7.26
C ALA A 96 16.59 7.42 7.97
N VAL A 97 15.97 7.13 9.10
CA VAL A 97 16.29 5.91 9.83
C VAL A 97 15.82 4.71 9.02
N ALA A 98 14.67 4.84 8.36
CA ALA A 98 14.13 3.75 7.55
C ALA A 98 15.02 3.56 6.33
N GLU A 99 15.45 4.68 5.75
CA GLU A 99 16.33 4.62 4.60
C GLU A 99 17.57 3.85 4.99
N ASP A 100 18.11 4.14 6.17
CA ASP A 100 19.31 3.47 6.65
C ASP A 100 19.08 1.97 6.78
N ALA A 101 17.94 1.59 7.34
CA ALA A 101 17.66 0.17 7.51
C ALA A 101 17.39 -0.54 6.18
N PHE A 102 16.62 0.07 5.29
CA PHE A 102 16.33 -0.56 4.01
C PHE A 102 17.57 -0.66 3.13
N GLU A 103 18.40 0.38 3.12
CA GLU A 103 19.62 0.38 2.33
C GLU A 103 20.58 -0.72 2.79
N SER A 104 20.74 -0.87 4.11
CA SER A 104 21.65 -1.89 4.62
C SER A 104 21.32 -3.27 4.06
N VAL A 105 20.03 -3.61 4.08
CA VAL A 105 19.59 -4.90 3.57
C VAL A 105 19.68 -4.95 2.04
N GLY A 106 19.40 -3.82 1.40
CA GLY A 106 19.47 -3.79 -0.04
C GLY A 106 20.88 -4.16 -0.47
N ILE A 107 21.85 -3.47 0.12
CA ILE A 107 23.24 -3.73 -0.19
C ILE A 107 23.61 -5.18 0.09
N ALA A 108 23.16 -5.71 1.22
CA ALA A 108 23.45 -7.10 1.56
C ALA A 108 22.90 -8.03 0.49
N LEU A 109 21.64 -7.82 0.10
CA LEU A 109 21.02 -8.65 -0.94
C LEU A 109 21.78 -8.57 -2.26
N ASP A 110 22.16 -7.37 -2.67
CA ASP A 110 22.90 -7.19 -3.91
C ASP A 110 24.18 -8.04 -3.97
N GLN A 111 24.68 -8.46 -2.81
CA GLN A 111 25.90 -9.24 -2.80
C GLN A 111 25.70 -10.73 -2.59
N VAL A 112 24.47 -11.19 -2.66
CA VAL A 112 24.19 -12.60 -2.47
C VAL A 112 23.10 -13.09 -3.41
N LEU A 113 21.85 -12.74 -3.10
CA LEU A 113 20.72 -13.15 -3.92
C LEU A 113 20.99 -13.02 -5.42
N THR A 114 21.57 -11.91 -5.84
CA THR A 114 21.86 -11.68 -7.26
C THR A 114 22.80 -12.70 -7.88
N LYS A 115 23.46 -13.52 -7.06
CA LYS A 115 24.38 -14.54 -7.56
C LYS A 115 23.65 -15.82 -7.99
N LEU A 116 22.39 -15.95 -7.62
CA LEU A 116 21.59 -17.12 -7.99
C LEU A 116 21.32 -17.01 -9.50
N ASP A 117 21.09 -18.16 -10.15
CA ASP A 117 20.85 -18.17 -11.59
C ASP A 117 19.39 -17.97 -12.00
N ASP A 118 18.45 -18.35 -11.14
CA ASP A 118 17.03 -18.21 -11.44
C ASP A 118 16.53 -16.82 -11.04
N PRO A 119 16.21 -15.97 -12.01
CA PRO A 119 15.72 -14.62 -11.69
C PRO A 119 14.55 -14.68 -10.72
N ALA A 120 13.72 -15.71 -10.86
CA ALA A 120 12.56 -15.88 -10.02
C ALA A 120 12.98 -16.01 -8.56
N GLU A 121 14.04 -16.77 -8.32
CA GLU A 121 14.51 -16.98 -6.95
C GLU A 121 15.22 -15.76 -6.38
N VAL A 122 15.80 -14.93 -7.24
CA VAL A 122 16.48 -13.73 -6.77
C VAL A 122 15.43 -12.82 -6.17
N PHE A 123 14.36 -12.61 -6.92
CA PHE A 123 13.23 -11.76 -6.53
C PHE A 123 12.53 -12.34 -5.29
N ALA A 124 12.18 -13.61 -5.36
CA ALA A 124 11.51 -14.27 -4.26
C ALA A 124 12.30 -14.19 -2.97
N GLY A 125 13.56 -14.60 -3.03
CA GLY A 125 14.42 -14.57 -1.85
C GLY A 125 14.56 -13.20 -1.24
N SER A 126 14.72 -12.19 -2.09
CA SER A 126 14.85 -10.83 -1.61
C SER A 126 13.61 -10.42 -0.83
N LEU A 127 12.43 -10.73 -1.38
CA LEU A 127 11.17 -10.38 -0.71
C LEU A 127 11.06 -11.11 0.61
N ARG A 128 11.48 -12.38 0.64
CA ARG A 128 11.41 -13.16 1.87
C ARG A 128 12.28 -12.55 2.97
N HIS A 129 13.44 -12.02 2.59
CA HIS A 129 14.29 -11.40 3.58
C HIS A 129 13.61 -10.16 4.16
N LEU A 130 12.91 -9.42 3.29
CA LEU A 130 12.21 -8.22 3.73
C LEU A 130 11.11 -8.61 4.69
N VAL A 131 10.39 -9.68 4.37
CA VAL A 131 9.32 -10.12 5.26
C VAL A 131 9.88 -10.60 6.60
N ARG A 132 10.92 -11.43 6.57
CA ARG A 132 11.51 -11.94 7.81
C ARG A 132 12.04 -10.81 8.70
N HIS A 133 12.68 -9.82 8.11
CA HIS A 133 13.19 -8.71 8.89
C HIS A 133 12.03 -7.95 9.53
N SER A 134 10.99 -7.73 8.74
CA SER A 134 9.81 -7.01 9.21
C SER A 134 9.15 -7.68 10.41
N LEU A 135 9.22 -9.00 10.48
CA LEU A 135 8.58 -9.70 11.58
C LEU A 135 9.48 -9.98 12.76
N GLU A 136 10.78 -9.88 12.56
CA GLU A 136 11.71 -10.17 13.64
C GLU A 136 12.37 -8.96 14.28
N ASP A 137 12.54 -7.90 13.49
CA ASP A 137 13.19 -6.69 13.99
C ASP A 137 12.16 -5.70 14.51
N ARG A 138 12.32 -5.30 15.76
CA ARG A 138 11.40 -4.36 16.38
C ARG A 138 11.28 -3.07 15.59
N ILE A 139 12.42 -2.50 15.23
CA ILE A 139 12.44 -1.25 14.49
C ILE A 139 11.72 -1.36 13.14
N TRP A 140 11.94 -2.45 12.40
CA TRP A 140 11.27 -2.61 11.11
C TRP A 140 9.75 -2.61 11.26
N GLY A 141 9.25 -3.40 12.20
CA GLY A 141 7.81 -3.45 12.41
C GLY A 141 7.25 -2.04 12.53
N GLY A 142 7.99 -1.20 13.22
CA GLY A 142 7.58 0.18 13.40
C GLY A 142 7.46 0.98 12.12
N PHE A 143 8.32 0.72 11.13
CA PHE A 143 8.25 1.47 9.88
C PHE A 143 6.95 1.14 9.14
N PHE A 144 6.53 -0.11 9.20
CA PHE A 144 5.33 -0.53 8.51
C PHE A 144 3.99 -0.23 9.18
N ILE A 145 3.99 0.00 10.48
CA ILE A 145 2.74 0.28 11.18
C ILE A 145 2.84 1.54 12.02
N GLN A 146 3.62 2.51 11.56
CA GLN A 146 3.80 3.74 12.32
C GLN A 146 4.40 4.83 11.44
N MSE A 147 4.39 4.58 10.13
CA MSE A 147 4.97 5.52 9.17
C MSE A 147 4.19 5.43 7.86
O MSE A 147 4.22 4.39 7.17
CB MSE A 147 6.44 5.15 8.97
CG MSE A 147 7.29 6.15 8.22
SE MSE A 147 9.13 5.51 8.12
CE MSE A 147 9.03 4.60 6.43
N GLY A 148 3.48 6.50 7.51
CA GLY A 148 2.70 6.49 6.28
C GLY A 148 3.57 6.57 5.04
N ALA A 149 4.79 7.06 5.23
CA ALA A 149 5.72 7.22 4.12
C ALA A 149 6.51 5.94 3.84
N ALA A 150 6.02 4.80 4.30
CA ALA A 150 6.72 3.54 4.07
C ALA A 150 6.92 3.27 2.57
N HIS A 151 5.86 3.40 1.80
CA HIS A 151 5.95 3.13 0.38
C HIS A 151 6.95 4.03 -0.34
N PRO A 152 6.89 5.35 -0.13
CA PRO A 152 7.85 6.23 -0.81
C PRO A 152 9.30 5.92 -0.41
N VAL A 153 9.53 5.59 0.86
CA VAL A 153 10.89 5.29 1.31
C VAL A 153 11.38 3.99 0.70
N LEU A 154 10.52 2.98 0.68
CA LEU A 154 10.87 1.69 0.09
C LEU A 154 11.12 1.90 -1.41
N MSE A 155 10.28 2.70 -2.04
CA MSE A 155 10.37 2.93 -3.47
C MSE A 155 11.67 3.62 -3.90
O MSE A 155 12.22 3.28 -4.94
CB MSE A 155 9.18 3.77 -3.93
CG MSE A 155 8.69 3.44 -5.33
SE MSE A 155 8.29 1.55 -5.63
CE MSE A 155 7.51 1.18 -3.92
N ARG A 156 12.17 4.55 -3.09
CA ARG A 156 13.38 5.26 -3.45
C ARG A 156 14.67 4.50 -3.12
N ILE A 157 14.62 3.58 -2.16
CA ILE A 157 15.81 2.82 -1.78
C ILE A 157 15.86 1.42 -2.39
N LEU A 158 14.78 0.66 -2.25
CA LEU A 158 14.75 -0.69 -2.80
C LEU A 158 14.11 -0.74 -4.20
N GLY A 159 13.30 0.26 -4.52
CA GLY A 159 12.65 0.30 -5.81
C GLY A 159 13.59 -0.01 -6.97
N PRO A 160 14.66 0.76 -7.13
CA PRO A 160 15.61 0.52 -8.23
C PRO A 160 16.16 -0.89 -8.24
N ARG A 161 16.36 -1.47 -7.05
CA ARG A 161 16.88 -2.82 -6.95
C ARG A 161 15.87 -3.87 -7.41
N ALA A 162 14.63 -3.74 -6.96
CA ALA A 162 13.60 -4.68 -7.35
C ALA A 162 13.34 -4.55 -8.86
N ARG A 163 13.32 -3.32 -9.36
CA ARG A 163 13.09 -3.10 -10.78
C ARG A 163 14.17 -3.80 -11.62
N ARG A 164 15.40 -3.76 -11.13
CA ARG A 164 16.53 -4.37 -11.81
C ARG A 164 16.33 -5.87 -11.90
N ASP A 165 15.98 -6.48 -10.77
CA ASP A 165 15.77 -7.91 -10.75
C ASP A 165 14.57 -8.33 -11.61
N LEU A 166 13.54 -7.49 -11.65
CA LEU A 166 12.37 -7.81 -12.46
C LEU A 166 12.72 -7.70 -13.94
N LEU A 167 13.47 -6.66 -14.29
CA LEU A 167 13.88 -6.48 -15.68
C LEU A 167 14.68 -7.67 -16.16
N HIS A 168 15.61 -8.12 -15.33
CA HIS A 168 16.43 -9.27 -15.69
C HIS A 168 15.50 -10.46 -15.97
N GLY A 169 14.58 -10.73 -15.05
CA GLY A 169 13.66 -11.82 -15.24
C GLY A 169 12.79 -11.64 -16.48
N LEU A 170 12.62 -10.40 -16.90
CA LEU A 170 11.83 -10.13 -18.09
C LEU A 170 12.69 -10.45 -19.30
N GLU A 171 13.96 -10.07 -19.25
CA GLU A 171 14.91 -10.31 -20.34
C GLU A 171 14.93 -11.82 -20.60
N THR A 172 15.17 -12.57 -19.53
CA THR A 172 15.24 -14.03 -19.55
C THR A 172 13.97 -14.72 -20.02
N GLY A 173 12.85 -14.04 -19.93
CA GLY A 173 11.59 -14.64 -20.34
C GLY A 173 10.99 -15.41 -19.18
N ARG A 174 11.54 -15.21 -17.98
CA ARG A 174 11.04 -15.86 -16.77
C ARG A 174 9.74 -15.21 -16.31
N PHE A 175 9.63 -13.91 -16.50
CA PHE A 175 8.44 -13.17 -16.09
C PHE A 175 7.66 -12.64 -17.27
N THR A 176 6.44 -12.23 -17.00
CA THR A 176 5.54 -11.64 -17.99
C THR A 176 5.07 -10.36 -17.31
N ILE A 177 5.65 -9.24 -17.69
CA ILE A 177 5.31 -7.96 -17.11
C ILE A 177 5.08 -6.99 -18.24
N GLU A 178 4.01 -6.21 -18.14
CA GLU A 178 3.70 -5.25 -19.20
C GLU A 178 4.25 -3.88 -18.85
N ASP A 179 4.25 -3.55 -17.56
CA ASP A 179 4.77 -2.27 -17.10
C ASP A 179 5.69 -2.52 -15.89
N LEU A 180 6.99 -2.35 -16.11
CA LEU A 180 7.98 -2.56 -15.07
C LEU A 180 7.78 -1.70 -13.84
N ASP A 181 7.47 -0.41 -14.04
CA ASP A 181 7.24 0.48 -12.91
C ASP A 181 6.02 0.06 -12.10
N LEU A 182 4.97 -0.36 -12.80
CA LEU A 182 3.75 -0.78 -12.12
C LEU A 182 4.03 -2.01 -11.26
N ALA A 183 4.77 -2.97 -11.82
CA ALA A 183 5.09 -4.19 -11.08
C ALA A 183 5.90 -3.92 -9.82
N THR A 184 6.86 -3.01 -9.91
CA THR A 184 7.69 -2.73 -8.75
C THR A 184 6.94 -1.91 -7.70
N THR A 185 6.13 -0.96 -8.11
CA THR A 185 5.40 -0.19 -7.12
C THR A 185 4.33 -1.06 -6.45
N CYS A 186 3.76 -2.00 -7.20
CA CYS A 186 2.74 -2.91 -6.65
C CYS A 186 3.33 -3.91 -5.67
N THR A 187 4.56 -4.35 -5.93
CA THR A 187 5.23 -5.31 -5.04
C THR A 187 5.35 -4.72 -3.64
N PHE A 188 5.78 -3.47 -3.54
CA PHE A 188 5.93 -2.82 -2.25
C PHE A 188 4.59 -2.43 -1.64
N GLY A 189 3.60 -2.14 -2.48
CA GLY A 189 2.28 -1.82 -1.98
C GLY A 189 1.79 -3.08 -1.27
N SER A 190 1.99 -4.21 -1.94
CA SER A 190 1.61 -5.51 -1.38
C SER A 190 2.43 -5.87 -0.15
N LEU A 191 3.74 -5.63 -0.21
CA LEU A 191 4.63 -5.94 0.92
C LEU A 191 4.13 -5.27 2.21
N ILE A 192 3.87 -3.97 2.12
CA ILE A 192 3.38 -3.22 3.25
C ILE A 192 2.10 -3.82 3.82
N ALA A 193 1.12 -4.08 2.95
CA ALA A 193 -0.15 -4.66 3.38
C ALA A 193 0.05 -6.03 3.98
N ALA A 194 0.91 -6.83 3.35
CA ALA A 194 1.15 -8.18 3.85
C ALA A 194 1.79 -8.16 5.23
N ILE A 195 2.75 -7.26 5.43
CA ILE A 195 3.43 -7.17 6.71
C ILE A 195 2.49 -6.64 7.79
N GLN A 196 1.69 -5.63 7.44
CA GLN A 196 0.75 -5.07 8.40
C GLN A 196 -0.19 -6.15 8.91
N MSE A 197 -0.64 -7.01 8.01
CA MSE A 197 -1.53 -8.08 8.38
C MSE A 197 -0.84 -9.07 9.29
O MSE A 197 -1.36 -9.43 10.35
CB MSE A 197 -2.05 -8.80 7.15
CG MSE A 197 -2.98 -9.97 7.46
SE MSE A 197 -3.86 -10.68 5.90
CE MSE A 197 -2.54 -11.96 5.34
N ALA A 198 0.34 -9.53 8.89
CA ALA A 198 1.10 -10.50 9.67
C ALA A 198 1.38 -9.99 11.08
N LEU A 199 1.63 -8.69 11.22
CA LEU A 199 1.91 -8.10 12.52
C LEU A 199 0.70 -7.93 13.43
N SER A 200 -0.43 -8.52 13.06
CA SER A 200 -1.63 -8.39 13.89
C SER A 200 -2.39 -9.70 14.04
N ASP A 207 3.53 -19.05 9.99
CA ASP A 207 4.71 -19.87 10.24
C ASP A 207 5.75 -19.69 9.13
N ASP A 208 5.26 -19.56 7.90
CA ASP A 208 6.09 -19.40 6.72
C ASP A 208 5.45 -18.34 5.81
N LYS A 209 4.96 -17.27 6.44
CA LYS A 209 4.31 -16.18 5.72
C LYS A 209 5.16 -15.56 4.63
N ASP A 210 6.48 -15.59 4.80
CA ASP A 210 7.36 -15.00 3.80
C ASP A 210 7.28 -15.78 2.49
N GLN A 211 7.18 -17.10 2.59
CA GLN A 211 7.11 -17.95 1.41
C GLN A 211 5.83 -17.67 0.65
N ILE A 212 4.72 -17.63 1.38
CA ILE A 212 3.41 -17.38 0.78
C ILE A 212 3.37 -16.02 0.08
N PHE A 213 3.90 -14.98 0.72
CA PHE A 213 3.90 -13.67 0.10
C PHE A 213 4.75 -13.69 -1.18
N ALA A 214 5.94 -14.26 -1.10
CA ALA A 214 6.83 -14.32 -2.25
C ALA A 214 6.19 -15.08 -3.43
N ALA A 215 5.49 -16.16 -3.13
CA ALA A 215 4.84 -16.95 -4.18
C ALA A 215 3.79 -16.13 -4.92
N ALA A 216 2.98 -15.37 -4.17
CA ALA A 216 1.94 -14.54 -4.77
C ALA A 216 2.58 -13.48 -5.66
N MSE A 217 3.74 -12.98 -5.26
CA MSE A 217 4.39 -11.97 -6.07
C MSE A 217 4.94 -12.61 -7.33
O MSE A 217 4.90 -12.02 -8.41
CB MSE A 217 5.51 -11.28 -5.26
CG MSE A 217 4.97 -10.39 -4.13
SE MSE A 217 3.77 -8.97 -4.76
CE MSE A 217 2.06 -9.86 -4.43
N LEU A 218 5.45 -13.84 -7.21
CA LEU A 218 5.94 -14.54 -8.38
C LEU A 218 4.79 -14.73 -9.35
N ARG A 219 3.64 -15.16 -8.81
CA ARG A 219 2.46 -15.34 -9.64
C ARG A 219 2.10 -14.03 -10.34
N MSE A 220 2.17 -12.93 -9.60
CA MSE A 220 1.85 -11.63 -10.18
C MSE A 220 2.74 -11.30 -11.37
O MSE A 220 2.33 -10.55 -12.26
CB MSE A 220 1.98 -10.52 -9.13
CG MSE A 220 1.77 -9.12 -9.70
SE MSE A 220 2.01 -7.72 -8.38
CE MSE A 220 3.95 -7.74 -8.30
N VAL A 221 3.95 -11.83 -11.40
CA VAL A 221 4.84 -11.53 -12.52
C VAL A 221 4.93 -12.62 -13.60
N GLY A 222 3.89 -13.45 -13.68
CA GLY A 222 3.84 -14.47 -14.71
C GLY A 222 4.41 -15.84 -14.43
N VAL A 223 4.79 -16.12 -13.20
CA VAL A 223 5.34 -17.44 -12.91
C VAL A 223 4.19 -18.41 -12.68
N GLN A 224 4.29 -19.57 -13.33
CA GLN A 224 3.29 -20.62 -13.21
C GLN A 224 2.90 -20.82 -11.74
N ALA A 225 1.60 -20.68 -11.47
CA ALA A 225 1.08 -20.82 -10.12
C ALA A 225 1.64 -22.01 -9.35
N ALA A 226 1.73 -23.15 -10.02
CA ALA A 226 2.22 -24.36 -9.40
C ALA A 226 3.70 -24.34 -9.01
N GLU A 227 4.55 -23.79 -9.88
CA GLU A 227 5.97 -23.76 -9.56
C GLU A 227 6.37 -22.56 -8.71
N ALA A 228 5.45 -21.61 -8.54
CA ALA A 228 5.73 -20.43 -7.74
C ALA A 228 6.02 -20.77 -6.28
N ARG A 229 5.20 -21.60 -5.67
CA ARG A 229 5.43 -21.96 -4.27
C ARG A 229 6.72 -22.73 -4.07
N GLU A 230 7.13 -23.51 -5.06
CA GLU A 230 8.36 -24.29 -4.94
C GLU A 230 9.54 -23.32 -4.84
N ILE A 231 9.62 -22.43 -5.81
CA ILE A 231 10.69 -21.43 -5.84
C ILE A 231 10.75 -20.63 -4.55
N ALA A 232 9.59 -20.28 -4.00
CA ALA A 232 9.50 -19.49 -2.78
C ALA A 232 9.75 -20.28 -1.51
N SER A 233 10.05 -21.57 -1.65
CA SER A 233 10.28 -22.41 -0.46
C SER A 233 11.67 -23.05 -0.45
N ARG A 234 12.49 -22.69 -1.42
CA ARG A 234 13.84 -23.23 -1.51
C ARG A 234 14.62 -22.72 -0.31
N PRO A 235 15.69 -23.44 0.09
CA PRO A 235 16.44 -22.94 1.24
C PRO A 235 16.84 -21.48 1.00
N LEU A 236 16.71 -20.65 2.04
CA LEU A 236 17.04 -19.25 1.90
C LEU A 236 18.49 -18.94 2.27
N PRO A 237 19.25 -18.40 1.32
CA PRO A 237 20.65 -18.07 1.59
C PRO A 237 20.77 -16.99 2.64
N GLU A 238 21.60 -17.23 3.65
CA GLU A 238 21.79 -16.26 4.72
C GLU A 238 22.34 -14.96 4.18
N ILE A 239 21.68 -13.86 4.51
CA ILE A 239 22.08 -12.54 4.04
C ILE A 239 23.23 -11.98 4.88
N SER A 240 23.27 -12.34 6.15
CA SER A 240 24.32 -11.89 7.07
C SER A 240 24.01 -12.28 8.52
N ARG B 40 -29.18 15.58 22.95
CA ARG B 40 -29.65 14.18 22.79
C ARG B 40 -28.73 13.41 21.84
N ALA B 41 -28.94 12.09 21.76
CA ALA B 41 -28.14 11.24 20.90
C ALA B 41 -28.66 11.26 19.47
N GLN B 42 -29.93 11.64 19.31
CA GLN B 42 -30.55 11.70 17.98
C GLN B 42 -30.04 12.92 17.23
N LYS B 43 -29.83 14.00 17.97
CA LYS B 43 -29.34 15.26 17.41
C LYS B 43 -27.92 15.03 16.88
N ARG B 44 -27.11 14.32 17.66
CA ARG B 44 -25.75 14.01 17.27
C ARG B 44 -25.74 13.12 16.03
N GLU B 45 -26.68 12.18 15.98
CA GLU B 45 -26.79 11.26 14.86
C GLU B 45 -27.02 11.98 13.53
N GLN B 46 -28.01 12.88 13.50
CA GLN B 46 -28.28 13.60 12.26
C GLN B 46 -27.23 14.66 11.93
N THR B 47 -26.57 15.18 12.95
CA THR B 47 -25.53 16.18 12.72
C THR B 47 -24.33 15.52 12.05
N ARG B 48 -23.94 14.33 12.52
CA ARG B 48 -22.83 13.62 11.90
C ARG B 48 -23.19 13.40 10.44
N ALA B 49 -24.42 12.95 10.21
CA ALA B 49 -24.90 12.70 8.86
C ALA B 49 -24.82 13.96 8.01
N ARG B 50 -25.23 15.10 8.57
CA ARG B 50 -25.19 16.37 7.84
C ARG B 50 -23.78 16.84 7.59
N LEU B 51 -22.89 16.56 8.53
CA LEU B 51 -21.49 16.95 8.38
C LEU B 51 -20.87 16.13 7.25
N ILE B 52 -21.19 14.84 7.23
CA ILE B 52 -20.67 13.96 6.19
C ILE B 52 -21.12 14.47 4.82
N THR B 53 -22.41 14.81 4.71
CA THR B 53 -22.97 15.32 3.47
C THR B 53 -22.31 16.63 3.09
N SER B 54 -22.10 17.49 4.07
CA SER B 54 -21.46 18.78 3.83
C SER B 54 -20.05 18.59 3.30
N ALA B 55 -19.27 17.80 4.02
CA ALA B 55 -17.89 17.51 3.63
C ALA B 55 -17.81 16.95 2.22
N ARG B 56 -18.68 16.00 1.90
CA ARG B 56 -18.65 15.40 0.57
C ARG B 56 -18.97 16.38 -0.53
N THR B 57 -20.02 17.16 -0.33
CA THR B 57 -20.40 18.13 -1.34
C THR B 57 -19.30 19.14 -1.60
N LEU B 58 -18.70 19.67 -0.54
CA LEU B 58 -17.63 20.65 -0.68
C LEU B 58 -16.35 20.06 -1.29
N MSE B 59 -15.89 18.93 -0.77
CA MSE B 59 -14.68 18.31 -1.28
C MSE B 59 -14.82 17.89 -2.74
O MSE B 59 -13.84 17.90 -3.49
CB MSE B 59 -14.28 17.11 -0.43
CG MSE B 59 -13.84 17.51 0.95
SE MSE B 59 -13.61 15.97 2.08
CE MSE B 59 -12.97 16.85 3.68
N ALA B 60 -16.02 17.51 -3.15
CA ALA B 60 -16.24 17.09 -4.53
C ALA B 60 -15.97 18.25 -5.47
N GLU B 61 -16.29 19.46 -5.01
CA GLU B 61 -16.09 20.65 -5.82
C GLU B 61 -14.65 21.17 -5.76
N ARG B 62 -14.07 21.22 -4.56
CA ARG B 62 -12.72 21.76 -4.43
C ARG B 62 -11.55 20.83 -4.06
N GLY B 63 -11.83 19.57 -3.75
CA GLY B 63 -10.74 18.67 -3.39
C GLY B 63 -10.74 18.43 -1.88
N VAL B 64 -10.54 17.19 -1.47
CA VAL B 64 -10.55 16.85 -0.05
C VAL B 64 -9.56 17.69 0.76
N ASP B 65 -8.49 18.12 0.10
CA ASP B 65 -7.44 18.89 0.74
C ASP B 65 -7.69 20.39 0.86
N ASN B 66 -8.64 20.91 0.08
CA ASN B 66 -8.92 22.34 0.10
C ASN B 66 -10.19 22.75 0.83
N VAL B 67 -10.63 21.94 1.79
CA VAL B 67 -11.84 22.27 2.54
C VAL B 67 -11.61 22.12 4.03
N GLY B 68 -11.79 23.21 4.77
CA GLY B 68 -11.59 23.16 6.21
C GLY B 68 -12.87 22.84 6.94
N ILE B 69 -12.77 22.53 8.22
CA ILE B 69 -13.96 22.18 8.97
C ILE B 69 -14.88 23.36 9.24
N ALA B 70 -14.36 24.58 9.12
CA ALA B 70 -15.21 25.74 9.35
C ALA B 70 -16.25 25.79 8.23
N GLU B 71 -15.79 25.60 7.00
CA GLU B 71 -16.71 25.63 5.88
C GLU B 71 -17.68 24.44 5.91
N ILE B 72 -17.20 23.30 6.40
CA ILE B 72 -18.02 22.10 6.50
C ILE B 72 -19.10 22.27 7.55
N THR B 73 -18.77 22.90 8.66
CA THR B 73 -19.74 23.11 9.72
C THR B 73 -20.79 24.14 9.26
N GLU B 74 -20.37 25.06 8.41
CA GLU B 74 -21.31 26.05 7.89
C GLU B 74 -22.31 25.32 7.00
N GLY B 75 -21.79 24.49 6.10
CA GLY B 75 -22.65 23.76 5.20
C GLY B 75 -23.68 22.90 5.92
N ALA B 76 -23.33 22.44 7.12
CA ALA B 76 -24.23 21.62 7.91
C ALA B 76 -25.09 22.48 8.81
N ASN B 77 -24.84 23.79 8.78
CA ASN B 77 -25.58 24.74 9.57
C ASN B 77 -25.39 24.61 11.10
N ILE B 78 -24.13 24.66 11.55
CA ILE B 78 -23.81 24.58 12.98
C ILE B 78 -22.60 25.47 13.29
N GLY B 79 -22.42 25.81 14.57
CA GLY B 79 -21.28 26.64 14.95
C GLY B 79 -19.96 25.91 14.72
N THR B 80 -18.97 26.61 14.17
CA THR B 80 -17.67 25.99 13.88
C THR B 80 -17.01 25.38 15.12
N GLY B 81 -17.11 26.08 16.24
CA GLY B 81 -16.50 25.59 17.46
C GLY B 81 -17.19 24.36 18.02
N THR B 82 -18.22 23.87 17.35
CA THR B 82 -18.95 22.71 17.86
C THR B 82 -18.68 21.41 17.10
N PHE B 83 -17.85 21.48 16.06
CA PHE B 83 -17.54 20.31 15.26
C PHE B 83 -17.07 19.10 16.07
N TYR B 84 -16.06 19.31 16.90
CA TYR B 84 -15.50 18.24 17.71
C TYR B 84 -16.46 17.67 18.75
N ASN B 85 -17.74 17.95 18.58
CA ASN B 85 -18.75 17.41 19.47
C ASN B 85 -19.36 16.20 18.76
N TYR B 86 -18.99 16.02 17.49
CA TYR B 86 -19.52 14.93 16.69
C TYR B 86 -18.46 14.03 16.09
N PHE B 87 -17.25 14.56 15.95
CA PHE B 87 -16.11 13.80 15.43
C PHE B 87 -14.89 14.16 16.28
N PRO B 88 -14.08 13.16 16.65
CA PRO B 88 -12.89 13.44 17.47
C PRO B 88 -11.86 14.24 16.70
N ASP B 89 -11.82 14.02 15.38
CA ASP B 89 -10.86 14.72 14.55
C ASP B 89 -11.29 14.78 13.10
N ARG B 90 -10.42 15.36 12.29
CA ARG B 90 -10.66 15.52 10.86
C ARG B 90 -10.62 14.18 10.15
N GLU B 91 -9.63 13.36 10.48
CA GLU B 91 -9.46 12.05 9.86
C GLU B 91 -10.72 11.19 9.88
N GLN B 92 -11.38 11.12 11.03
CA GLN B 92 -12.60 10.32 11.14
C GLN B 92 -13.62 10.75 10.09
N LEU B 93 -13.82 12.06 9.96
CA LEU B 93 -14.78 12.57 8.99
C LEU B 93 -14.35 12.24 7.58
N LEU B 94 -13.05 12.32 7.32
CA LEU B 94 -12.52 12.02 6.00
C LEU B 94 -12.85 10.55 5.68
N GLN B 95 -12.64 9.70 6.67
CA GLN B 95 -12.89 8.29 6.51
C GLN B 95 -14.36 7.99 6.22
N ALA B 96 -15.27 8.72 6.87
CA ALA B 96 -16.69 8.53 6.64
C ALA B 96 -17.05 8.91 5.21
N VAL B 97 -16.45 9.99 4.72
CA VAL B 97 -16.70 10.44 3.36
C VAL B 97 -16.16 9.40 2.36
N ALA B 98 -15.00 8.84 2.66
CA ALA B 98 -14.40 7.83 1.78
C ALA B 98 -15.26 6.55 1.80
N GLU B 99 -15.76 6.18 2.98
CA GLU B 99 -16.61 5.00 3.08
C GLU B 99 -17.83 5.18 2.20
N ASP B 100 -18.40 6.38 2.25
CA ASP B 100 -19.58 6.68 1.46
C ASP B 100 -19.26 6.53 -0.03
N ALA B 101 -18.11 7.04 -0.45
CA ALA B 101 -17.72 6.92 -1.85
C ALA B 101 -17.46 5.47 -2.30
N PHE B 102 -16.68 4.73 -1.51
CA PHE B 102 -16.38 3.36 -1.86
C PHE B 102 -17.59 2.44 -1.80
N GLU B 103 -18.45 2.64 -0.82
CA GLU B 103 -19.64 1.81 -0.70
C GLU B 103 -20.60 2.03 -1.86
N SER B 104 -20.71 3.27 -2.33
CA SER B 104 -21.59 3.56 -3.44
C SER B 104 -21.20 2.75 -4.66
N VAL B 105 -19.91 2.71 -4.96
CA VAL B 105 -19.44 1.96 -6.11
C VAL B 105 -19.55 0.45 -5.84
N GLY B 106 -19.25 0.04 -4.62
CA GLY B 106 -19.35 -1.35 -4.27
C GLY B 106 -20.73 -1.92 -4.56
N ILE B 107 -21.76 -1.18 -4.20
CA ILE B 107 -23.14 -1.60 -4.42
C ILE B 107 -23.43 -1.62 -5.91
N ALA B 108 -22.94 -0.62 -6.64
CA ALA B 108 -23.15 -0.58 -8.07
C ALA B 108 -22.46 -1.77 -8.73
N LEU B 109 -21.25 -2.10 -8.29
CA LEU B 109 -20.52 -3.24 -8.84
C LEU B 109 -21.27 -4.54 -8.59
N ASP B 110 -21.85 -4.67 -7.39
CA ASP B 110 -22.59 -5.89 -7.07
C ASP B 110 -23.81 -6.03 -7.97
N GLN B 111 -24.37 -4.92 -8.45
CA GLN B 111 -25.53 -4.94 -9.31
C GLN B 111 -25.19 -5.44 -10.72
N VAL B 112 -24.10 -4.93 -11.29
CA VAL B 112 -23.71 -5.31 -12.65
C VAL B 112 -22.74 -6.49 -12.78
N LEU B 113 -21.47 -6.23 -12.55
CA LEU B 113 -20.42 -7.24 -12.67
C LEU B 113 -20.75 -8.69 -12.37
N THR B 114 -21.11 -8.99 -11.13
CA THR B 114 -21.41 -10.38 -10.75
C THR B 114 -22.35 -11.13 -11.69
N LYS B 115 -22.98 -10.41 -12.62
CA LYS B 115 -23.89 -11.02 -13.59
C LYS B 115 -23.12 -11.60 -14.79
N LEU B 116 -21.80 -11.63 -14.69
CA LEU B 116 -20.93 -12.20 -15.71
C LEU B 116 -20.64 -13.58 -15.14
N ASP B 117 -20.42 -14.56 -15.99
CA ASP B 117 -20.17 -15.91 -15.49
C ASP B 117 -18.75 -16.15 -15.04
N ASP B 118 -17.79 -15.57 -15.76
CA ASP B 118 -16.38 -15.75 -15.43
C ASP B 118 -15.95 -14.95 -14.19
N PRO B 119 -15.58 -15.66 -13.12
CA PRO B 119 -15.16 -14.99 -11.88
C PRO B 119 -13.99 -14.06 -12.17
N ALA B 120 -13.15 -14.45 -13.12
CA ALA B 120 -11.98 -13.65 -13.48
C ALA B 120 -12.41 -12.32 -14.07
N GLU B 121 -13.53 -12.30 -14.77
CA GLU B 121 -14.01 -11.05 -15.38
C GLU B 121 -14.67 -10.16 -14.35
N VAL B 122 -15.32 -10.78 -13.37
CA VAL B 122 -15.98 -10.04 -12.31
C VAL B 122 -14.92 -9.27 -11.53
N PHE B 123 -13.86 -9.98 -11.15
CA PHE B 123 -12.76 -9.42 -10.39
C PHE B 123 -12.02 -8.35 -11.17
N ALA B 124 -11.68 -8.68 -12.41
CA ALA B 124 -10.98 -7.74 -13.28
C ALA B 124 -11.82 -6.50 -13.56
N GLY B 125 -13.08 -6.71 -13.89
CA GLY B 125 -13.95 -5.60 -14.20
C GLY B 125 -14.14 -4.68 -13.01
N SER B 126 -14.26 -5.27 -11.84
CA SER B 126 -14.43 -4.49 -10.62
C SER B 126 -13.22 -3.58 -10.44
N LEU B 127 -12.03 -4.18 -10.55
CA LEU B 127 -10.80 -3.42 -10.39
C LEU B 127 -10.67 -2.31 -11.43
N ARG B 128 -11.04 -2.62 -12.67
CA ARG B 128 -10.93 -1.61 -13.72
C ARG B 128 -11.84 -0.42 -13.42
N HIS B 129 -13.00 -0.69 -12.83
CA HIS B 129 -13.91 0.40 -12.48
C HIS B 129 -13.29 1.30 -11.38
N LEU B 130 -12.64 0.68 -10.40
CA LEU B 130 -12.03 1.44 -9.32
C LEU B 130 -10.94 2.34 -9.88
N VAL B 131 -10.09 1.80 -10.76
CA VAL B 131 -9.04 2.61 -11.35
C VAL B 131 -9.60 3.79 -12.15
N ARG B 132 -10.57 3.53 -13.02
CA ARG B 132 -11.17 4.59 -13.83
C ARG B 132 -11.83 5.65 -12.95
N HIS B 133 -12.48 5.22 -11.87
CA HIS B 133 -13.12 6.17 -10.99
C HIS B 133 -12.08 7.06 -10.31
N SER B 134 -10.91 6.48 -10.06
CA SER B 134 -9.84 7.22 -9.40
C SER B 134 -9.23 8.30 -10.28
N LEU B 135 -9.19 8.06 -11.58
CA LEU B 135 -8.63 9.03 -12.50
C LEU B 135 -9.66 10.02 -12.99
N GLU B 136 -10.90 9.89 -12.54
CA GLU B 136 -11.95 10.79 -12.98
C GLU B 136 -12.65 11.56 -11.87
N ASP B 137 -12.67 11.01 -10.65
CA ASP B 137 -13.31 11.70 -9.52
C ASP B 137 -12.30 12.46 -8.70
N ARG B 138 -12.44 13.79 -8.71
CA ARG B 138 -11.56 14.67 -7.95
C ARG B 138 -11.41 14.16 -6.54
N ILE B 139 -12.55 13.92 -5.90
CA ILE B 139 -12.59 13.46 -4.52
C ILE B 139 -11.89 12.10 -4.34
N TRP B 140 -12.01 11.22 -5.32
CA TRP B 140 -11.39 9.90 -5.25
C TRP B 140 -9.86 10.03 -5.28
N GLY B 141 -9.36 10.75 -6.27
CA GLY B 141 -7.93 10.94 -6.37
C GLY B 141 -7.40 11.47 -5.06
N GLY B 142 -8.20 12.30 -4.40
CA GLY B 142 -7.78 12.85 -3.14
C GLY B 142 -7.69 11.80 -2.06
N PHE B 143 -8.56 10.80 -2.11
CA PHE B 143 -8.55 9.73 -1.11
C PHE B 143 -7.25 8.92 -1.20
N PHE B 144 -6.89 8.51 -2.40
CA PHE B 144 -5.71 7.70 -2.61
C PHE B 144 -4.35 8.38 -2.38
N ILE B 145 -4.34 9.71 -2.33
CA ILE B 145 -3.09 10.43 -2.12
C ILE B 145 -2.98 11.00 -0.70
N GLN B 146 -3.84 11.96 -0.37
CA GLN B 146 -3.83 12.59 0.95
C GLN B 146 -4.41 11.78 2.10
N MSE B 147 -4.60 10.47 1.92
CA MSE B 147 -5.16 9.66 2.98
C MSE B 147 -4.39 8.35 3.16
O MSE B 147 -4.39 7.48 2.28
CB MSE B 147 -6.65 9.39 2.70
CG MSE B 147 -7.42 8.69 3.84
SE MSE B 147 -9.39 8.63 3.59
CE MSE B 147 -9.47 7.41 2.07
N GLY B 148 -3.71 8.24 4.29
CA GLY B 148 -2.93 7.04 4.58
C GLY B 148 -3.81 5.91 5.07
N ALA B 149 -5.02 6.27 5.47
CA ALA B 149 -5.97 5.29 5.96
C ALA B 149 -6.83 4.76 4.82
N ALA B 150 -6.41 5.03 3.58
CA ALA B 150 -7.16 4.55 2.43
C ALA B 150 -7.30 3.03 2.48
N HIS B 151 -6.19 2.36 2.75
CA HIS B 151 -6.19 0.91 2.81
C HIS B 151 -7.21 0.34 3.80
N PRO B 152 -7.18 0.81 5.06
CA PRO B 152 -8.14 0.30 6.06
C PRO B 152 -9.60 0.54 5.65
N VAL B 153 -9.87 1.69 5.04
CA VAL B 153 -11.23 2.01 4.60
C VAL B 153 -11.64 1.07 3.47
N LEU B 154 -10.77 0.93 2.48
CA LEU B 154 -11.04 0.03 1.37
C LEU B 154 -11.33 -1.37 1.89
N MSE B 155 -10.57 -1.80 2.90
CA MSE B 155 -10.75 -3.13 3.47
C MSE B 155 -12.05 -3.32 4.22
O MSE B 155 -12.58 -4.43 4.26
CB MSE B 155 -9.56 -3.46 4.38
CG MSE B 155 -8.26 -3.70 3.62
SE MSE B 155 -8.17 -5.42 2.68
CE MSE B 155 -9.62 -5.18 1.47
N ARG B 156 -12.58 -2.25 4.82
CA ARG B 156 -13.83 -2.36 5.55
C ARG B 156 -15.01 -2.41 4.62
N ILE B 157 -14.94 -1.65 3.53
CA ILE B 157 -16.04 -1.57 2.58
C ILE B 157 -15.99 -2.48 1.37
N LEU B 158 -14.87 -2.48 0.65
CA LEU B 158 -14.76 -3.31 -0.55
C LEU B 158 -14.06 -4.65 -0.34
N GLY B 159 -13.39 -4.81 0.79
CA GLY B 159 -12.68 -6.04 1.06
C GLY B 159 -13.58 -7.26 1.06
N PRO B 160 -14.71 -7.22 1.80
CA PRO B 160 -15.61 -8.37 1.85
C PRO B 160 -16.15 -8.73 0.46
N ARG B 161 -16.30 -7.73 -0.39
CA ARG B 161 -16.79 -7.96 -1.75
C ARG B 161 -15.71 -8.61 -2.62
N ALA B 162 -14.49 -8.12 -2.48
CA ALA B 162 -13.37 -8.65 -3.25
C ALA B 162 -13.10 -10.08 -2.81
N ARG B 163 -13.10 -10.29 -1.50
CA ARG B 163 -12.83 -11.62 -0.97
C ARG B 163 -13.86 -12.60 -1.53
N ARG B 164 -15.12 -12.16 -1.57
CA ARG B 164 -16.21 -12.98 -2.08
C ARG B 164 -15.92 -13.37 -3.53
N ASP B 165 -15.61 -12.36 -4.34
CA ASP B 165 -15.32 -12.60 -5.74
C ASP B 165 -14.13 -13.56 -5.89
N LEU B 166 -13.11 -13.39 -5.06
CA LEU B 166 -11.95 -14.27 -5.12
C LEU B 166 -12.28 -15.69 -4.66
N LEU B 167 -13.07 -15.80 -3.60
CA LEU B 167 -13.47 -17.11 -3.11
C LEU B 167 -14.22 -17.85 -4.21
N HIS B 168 -15.09 -17.11 -4.90
CA HIS B 168 -15.88 -17.65 -5.99
C HIS B 168 -14.94 -18.24 -7.05
N GLY B 169 -13.93 -17.47 -7.44
CA GLY B 169 -12.97 -17.94 -8.43
C GLY B 169 -12.15 -19.12 -7.96
N LEU B 170 -11.95 -19.22 -6.66
CA LEU B 170 -11.17 -20.31 -6.09
C LEU B 170 -12.01 -21.60 -6.18
N GLU B 171 -13.29 -21.48 -5.82
CA GLU B 171 -14.20 -22.61 -5.82
C GLU B 171 -14.39 -23.20 -7.22
N THR B 172 -14.36 -22.38 -8.26
CA THR B 172 -14.54 -22.87 -9.61
C THR B 172 -13.24 -23.26 -10.32
N GLY B 173 -12.14 -23.26 -9.57
CA GLY B 173 -10.85 -23.61 -10.15
C GLY B 173 -10.27 -22.55 -11.08
N ARG B 174 -10.90 -21.38 -11.14
CA ARG B 174 -10.41 -20.30 -12.00
C ARG B 174 -9.16 -19.65 -11.42
N PHE B 175 -9.09 -19.57 -10.09
CA PHE B 175 -7.95 -18.95 -9.42
C PHE B 175 -7.17 -19.93 -8.57
N THR B 176 -5.91 -19.58 -8.31
CA THR B 176 -5.04 -20.38 -7.44
C THR B 176 -4.60 -19.39 -6.37
N ILE B 177 -5.03 -19.62 -5.14
CA ILE B 177 -4.69 -18.73 -4.04
C ILE B 177 -4.39 -19.52 -2.78
N GLU B 178 -3.27 -19.24 -2.13
CA GLU B 178 -2.90 -19.96 -0.92
C GLU B 178 -3.50 -19.34 0.34
N ASP B 179 -3.65 -18.02 0.34
CA ASP B 179 -4.23 -17.35 1.49
C ASP B 179 -5.19 -16.25 1.00
N LEU B 180 -6.47 -16.48 1.27
CA LEU B 180 -7.54 -15.58 0.85
C LEU B 180 -7.47 -14.15 1.41
N ASP B 181 -7.13 -14.03 2.69
CA ASP B 181 -7.03 -12.71 3.30
C ASP B 181 -5.85 -11.95 2.72
N LEU B 182 -4.75 -12.68 2.46
CA LEU B 182 -3.56 -12.08 1.89
C LEU B 182 -3.87 -11.53 0.50
N ALA B 183 -4.53 -12.32 -0.33
CA ALA B 183 -4.85 -11.88 -1.68
C ALA B 183 -5.74 -10.66 -1.65
N THR B 184 -6.67 -10.62 -0.71
CA THR B 184 -7.55 -9.47 -0.61
C THR B 184 -6.79 -8.20 -0.20
N THR B 185 -5.99 -8.31 0.85
CA THR B 185 -5.25 -7.15 1.31
C THR B 185 -4.18 -6.69 0.32
N CYS B 186 -3.54 -7.62 -0.37
CA CYS B 186 -2.51 -7.27 -1.34
C CYS B 186 -3.11 -6.58 -2.55
N THR B 187 -4.31 -7.01 -2.93
CA THR B 187 -5.01 -6.43 -4.06
C THR B 187 -5.20 -4.94 -3.82
N PHE B 188 -5.70 -4.57 -2.65
CA PHE B 188 -5.92 -3.17 -2.34
C PHE B 188 -4.61 -2.39 -2.08
N GLY B 189 -3.59 -3.08 -1.59
CA GLY B 189 -2.32 -2.42 -1.39
C GLY B 189 -1.78 -2.05 -2.75
N SER B 190 -1.93 -2.97 -3.72
CA SER B 190 -1.48 -2.73 -5.09
C SER B 190 -2.32 -1.68 -5.79
N LEU B 191 -3.62 -1.69 -5.53
CA LEU B 191 -4.52 -0.73 -6.15
C LEU B 191 -4.08 0.69 -5.79
N ILE B 192 -3.87 0.93 -4.50
CA ILE B 192 -3.45 2.24 -4.03
C ILE B 192 -2.16 2.69 -4.73
N ALA B 193 -1.14 1.84 -4.72
CA ALA B 193 0.11 2.19 -5.37
C ALA B 193 -0.15 2.45 -6.84
N ALA B 194 -0.92 1.55 -7.46
CA ALA B 194 -1.23 1.70 -8.87
C ALA B 194 -1.91 3.04 -9.18
N ILE B 195 -2.87 3.43 -8.36
CA ILE B 195 -3.58 4.67 -8.60
C ILE B 195 -2.70 5.90 -8.32
N GLN B 196 -1.83 5.81 -7.31
CA GLN B 196 -0.94 6.92 -7.00
C GLN B 196 0.01 7.17 -8.17
N MSE B 197 0.47 6.10 -8.80
CA MSE B 197 1.39 6.24 -9.91
C MSE B 197 0.67 6.89 -11.09
O MSE B 197 1.14 7.88 -11.65
CB MSE B 197 1.94 4.88 -10.33
CG MSE B 197 2.95 4.96 -11.45
SE MSE B 197 3.88 3.28 -11.69
CE MSE B 197 2.71 2.45 -12.99
N ALA B 198 -0.48 6.33 -11.45
CA ALA B 198 -1.26 6.85 -12.55
C ALA B 198 -1.63 8.32 -12.35
N LEU B 199 -2.03 8.67 -11.13
CA LEU B 199 -2.42 10.05 -10.86
C LEU B 199 -1.28 11.03 -11.10
N SER B 200 -0.05 10.61 -10.82
CA SER B 200 1.08 11.51 -11.04
C SER B 200 1.76 11.18 -12.37
N ALA B 201 0.97 11.16 -13.44
CA ALA B 201 1.50 10.86 -14.76
C ALA B 201 0.79 11.67 -15.84
N ASP B 207 -4.81 5.13 -23.23
CA ASP B 207 -4.23 4.59 -22.01
C ASP B 207 -5.16 3.56 -21.37
N ASP B 208 -4.67 2.32 -21.26
CA ASP B 208 -5.45 1.25 -20.65
C ASP B 208 -4.85 0.89 -19.30
N LYS B 209 -4.51 1.89 -18.52
CA LYS B 209 -3.94 1.67 -17.20
C LYS B 209 -4.75 0.69 -16.38
N ASP B 210 -6.06 0.82 -16.44
CA ASP B 210 -6.94 -0.07 -15.69
C ASP B 210 -6.78 -1.52 -16.17
N GLN B 211 -6.67 -1.71 -17.48
CA GLN B 211 -6.51 -3.05 -18.03
C GLN B 211 -5.21 -3.69 -17.56
N ILE B 212 -4.12 -2.95 -17.69
CA ILE B 212 -2.82 -3.45 -17.29
C ILE B 212 -2.80 -3.80 -15.82
N PHE B 213 -3.42 -2.97 -14.99
CA PHE B 213 -3.45 -3.25 -13.57
C PHE B 213 -4.27 -4.50 -13.28
N ALA B 214 -5.45 -4.60 -13.89
CA ALA B 214 -6.31 -5.75 -13.68
C ALA B 214 -5.62 -7.04 -14.09
N ALA B 215 -4.88 -7.00 -15.21
CA ALA B 215 -4.19 -8.18 -15.68
C ALA B 215 -3.19 -8.68 -14.64
N ALA B 216 -2.43 -7.75 -14.06
CA ALA B 216 -1.44 -8.11 -13.04
C ALA B 216 -2.11 -8.74 -11.83
N MSE B 217 -3.28 -8.26 -11.45
CA MSE B 217 -3.99 -8.83 -10.31
C MSE B 217 -4.50 -10.21 -10.67
O MSE B 217 -4.53 -11.10 -9.81
CB MSE B 217 -5.12 -7.92 -9.85
CG MSE B 217 -4.67 -6.59 -9.22
SE MSE B 217 -3.30 -6.77 -7.82
CE MSE B 217 -4.19 -8.05 -6.69
N LEU B 218 -4.89 -10.39 -11.93
CA LEU B 218 -5.38 -11.68 -12.39
C LEU B 218 -4.24 -12.67 -12.36
N ARG B 219 -3.06 -12.24 -12.77
CA ARG B 219 -1.92 -13.13 -12.74
C ARG B 219 -1.59 -13.48 -11.28
N MSE B 220 -1.69 -12.49 -10.41
CA MSE B 220 -1.42 -12.71 -9.00
C MSE B 220 -2.29 -13.79 -8.41
O MSE B 220 -1.86 -14.49 -7.50
CB MSE B 220 -1.60 -11.42 -8.20
CG MSE B 220 -1.18 -11.58 -6.76
SE MSE B 220 -1.62 -10.07 -5.66
CE MSE B 220 -3.39 -10.66 -5.12
N VAL B 221 -3.53 -13.94 -8.91
CA VAL B 221 -4.41 -14.98 -8.39
C VAL B 221 -4.44 -16.29 -9.18
N GLY B 222 -3.43 -16.50 -10.02
CA GLY B 222 -3.32 -17.75 -10.74
C GLY B 222 -3.82 -17.89 -12.16
N VAL B 223 -3.97 -16.78 -12.87
CA VAL B 223 -4.43 -16.82 -14.24
C VAL B 223 -3.23 -16.75 -15.18
N GLN B 224 -3.21 -17.64 -16.16
CA GLN B 224 -2.14 -17.69 -17.16
C GLN B 224 -1.81 -16.27 -17.65
N ALA B 225 -0.52 -15.97 -17.70
CA ALA B 225 -0.05 -14.66 -18.10
C ALA B 225 -0.71 -14.07 -19.34
N ALA B 226 -0.76 -14.83 -20.42
CA ALA B 226 -1.37 -14.34 -21.67
C ALA B 226 -2.88 -14.21 -21.60
N GLU B 227 -3.53 -15.14 -20.90
CA GLU B 227 -4.98 -15.08 -20.80
C GLU B 227 -5.43 -13.84 -20.02
N ALA B 228 -4.71 -13.53 -18.95
CA ALA B 228 -5.01 -12.38 -18.09
C ALA B 228 -5.25 -11.09 -18.86
N ARG B 229 -4.30 -10.75 -19.73
CA ARG B 229 -4.40 -9.54 -20.53
C ARG B 229 -5.70 -9.53 -21.33
N GLU B 230 -6.00 -10.64 -21.98
CA GLU B 230 -7.22 -10.74 -22.77
C GLU B 230 -8.47 -10.51 -21.94
N ILE B 231 -8.52 -11.14 -20.77
CA ILE B 231 -9.67 -10.97 -19.90
C ILE B 231 -9.83 -9.53 -19.43
N ALA B 232 -8.71 -8.86 -19.17
CA ALA B 232 -8.76 -7.49 -18.71
C ALA B 232 -9.08 -6.52 -19.83
N SER B 233 -9.17 -7.02 -21.05
CA SER B 233 -9.46 -6.16 -22.21
C SER B 233 -10.89 -6.31 -22.73
N ARG B 234 -11.70 -7.16 -22.08
CA ARG B 234 -13.07 -7.35 -22.51
C ARG B 234 -13.89 -6.09 -22.32
N PRO B 235 -14.94 -5.89 -23.14
CA PRO B 235 -15.75 -4.68 -23.00
C PRO B 235 -16.25 -4.54 -21.56
N LEU B 236 -16.08 -3.35 -21.00
CA LEU B 236 -16.48 -3.11 -19.63
C LEU B 236 -17.92 -2.62 -19.51
N PRO B 237 -18.74 -3.32 -18.71
CA PRO B 237 -20.15 -2.97 -18.50
C PRO B 237 -20.30 -1.62 -17.80
N GLU B 238 -21.25 -0.80 -18.28
CA GLU B 238 -21.53 0.51 -17.70
C GLU B 238 -21.84 0.38 -16.21
N ILE B 239 -21.22 1.24 -15.41
CA ILE B 239 -21.41 1.21 -13.96
C ILE B 239 -22.47 2.20 -13.49
N SER B 240 -22.56 3.34 -14.18
CA SER B 240 -23.54 4.37 -13.81
C SER B 240 -24.94 3.78 -13.74
C1 RCO C . 14.26 -7.33 -4.99
C2 RCO C . 15.42 -6.67 -4.52
C3 RCO C . 15.39 -5.92 -3.32
C4 RCO C . 14.19 -5.82 -2.60
C5 RCO C . 13.03 -6.48 -3.06
C6 RCO C . 13.06 -7.23 -4.26
O1 RCO C . 14.32 -8.08 -6.17
O3 RCO C . 16.54 -5.26 -2.85
C1 RCO D . -15.01 -5.01 -5.38
C2 RCO D . -15.05 -6.32 -5.93
C3 RCO D . -13.85 -6.92 -6.43
C4 RCO D . -12.65 -6.20 -6.37
C5 RCO D . -12.62 -4.90 -5.83
C6 RCO D . -13.81 -4.30 -5.33
O1 RCO D . -16.19 -4.44 -4.89
O3 RCO D . -13.85 -8.20 -6.97
#